data_4HKA
#
_entry.id   4HKA
#
_cell.length_a   114.719
_cell.length_b   114.719
_cell.length_c   213.438
_cell.angle_alpha   90.000
_cell.angle_beta   90.000
_cell.angle_gamma   120.000
#
_symmetry.space_group_name_H-M   'P 64 2 2'
#
loop_
_entity.id
_entity.type
_entity.pdbx_description
1 polymer 'Tryptophan 2,3-dioxygenase'
2 non-polymer 'PROTOPORPHYRIN IX CONTAINING FE'
3 water water
#
_entity_poly.entity_id   1
_entity_poly.type   'polypeptide(L)'
_entity_poly.pdbx_seq_one_letter_code
;MGGKIYGEYLMLDKLLDAQCMLSEEDKRPVHDEHLFIITHQAYELWFKQIIFEFDSIRDMLDAEVIDETKTLEIVKRLNR
VVLILKLLVDQVPILETMTPLDFMDFRKYLAPASGFQSLQFRLIENKLGVLTEQRVRYNQKYSDVFSDEEARNSIRNSEK
DPSLLELVQRWLERTPGLEESGFNFWAKFQESVDRFLEAQVQSAMEEPVEKAKNYRLMDIEKRREVYRSIFDPAVHDALV
RRGDRRFSHRALQGAIMITFYRDEPRFSQPHQLLTLLMDIDSLITKWRYNHVIMVQRMIGSQQLGTGGSSGYQYLRSTLS
DRYKVFLDLFNLSTFLIPREAIPPLDETIRKKLINKSVLEHHHHHH
;
_entity_poly.pdbx_strand_id   A
#
# COMPACT_ATOMS: atom_id res chain seq x y z
N GLY A 3 -2.62 -36.89 -2.75
CA GLY A 3 -1.74 -37.94 -3.34
C GLY A 3 -0.30 -37.84 -2.90
N LYS A 4 0.59 -38.49 -3.66
CA LYS A 4 2.03 -38.44 -3.38
C LYS A 4 2.84 -38.07 -4.62
N ILE A 5 2.26 -38.31 -5.80
CA ILE A 5 2.93 -37.94 -7.05
C ILE A 5 2.62 -36.51 -7.47
N TYR A 6 3.65 -35.83 -7.96
CA TYR A 6 3.63 -34.44 -8.40
C TYR A 6 2.25 -33.96 -8.92
N GLY A 7 1.78 -34.57 -10.00
CA GLY A 7 0.54 -34.17 -10.66
C GLY A 7 -0.74 -34.39 -9.88
N GLU A 8 -0.73 -35.37 -8.98
CA GLU A 8 -1.88 -35.65 -8.12
C GLU A 8 -1.94 -34.64 -6.98
N TYR A 9 -0.78 -34.38 -6.38
CA TYR A 9 -0.66 -33.43 -5.28
C TYR A 9 -1.05 -32.01 -5.71
N LEU A 10 -0.54 -31.60 -6.87
CA LEU A 10 -0.78 -30.25 -7.36
C LEU A 10 -2.08 -30.12 -8.16
N MET A 11 -2.84 -31.22 -8.22
CA MET A 11 -4.12 -31.26 -8.94
C MET A 11 -4.01 -30.69 -10.35
N LEU A 12 -2.97 -31.11 -11.06
CA LEU A 12 -2.68 -30.63 -12.41
C LEU A 12 -3.75 -30.97 -13.45
N ASP A 13 -4.51 -32.03 -13.19
CA ASP A 13 -5.63 -32.40 -14.07
C ASP A 13 -6.73 -31.35 -14.06
N LYS A 14 -6.93 -30.72 -12.90
CA LYS A 14 -7.86 -29.61 -12.78
C LYS A 14 -7.22 -28.31 -13.30
N LEU A 15 -6.03 -28.00 -12.80
CA LEU A 15 -5.33 -26.75 -13.13
C LEU A 15 -5.08 -26.55 -14.62
N LEU A 16 -4.65 -27.61 -15.29
CA LEU A 16 -4.29 -27.51 -16.70
C LEU A 16 -5.46 -27.82 -17.64
N ASP A 17 -6.66 -27.90 -17.08
CA ASP A 17 -7.87 -28.01 -17.88
C ASP A 17 -8.73 -26.75 -17.74
N ALA A 18 -8.13 -25.68 -17.24
CA ALA A 18 -8.84 -24.42 -17.02
C ALA A 18 -8.56 -23.39 -18.12
N GLN A 19 -8.01 -23.85 -19.24
CA GLN A 19 -7.61 -22.94 -20.32
C GLN A 19 -8.44 -23.14 -21.58
N CYS A 20 -9.47 -22.29 -21.73
CA CYS A 20 -10.36 -22.37 -22.88
C CYS A 20 -10.23 -21.14 -23.76
N MET A 21 -9.57 -21.29 -24.90
CA MET A 21 -9.42 -20.20 -25.86
C MET A 21 -10.72 -20.04 -26.64
N LEU A 22 -11.37 -18.89 -26.47
CA LEU A 22 -12.68 -18.65 -27.09
C LEU A 22 -12.62 -18.38 -28.59
N SER A 23 -11.48 -17.88 -29.06
CA SER A 23 -11.28 -17.69 -30.49
C SER A 23 -11.00 -19.02 -31.19
N GLU A 24 -10.58 -20.02 -30.39
CA GLU A 24 -10.25 -21.34 -30.92
C GLU A 24 -11.51 -22.15 -31.19
N GLU A 25 -12.40 -22.22 -30.19
CA GLU A 25 -13.66 -22.95 -30.32
C GLU A 25 -14.65 -22.27 -31.27
N ASP A 26 -14.36 -21.01 -31.61
CA ASP A 26 -15.15 -20.27 -32.60
C ASP A 26 -14.41 -20.21 -33.94
N LYS A 27 -13.64 -21.26 -34.22
CA LYS A 27 -12.94 -21.49 -35.51
C LYS A 27 -12.13 -20.33 -36.11
N ARG A 28 -11.85 -19.30 -35.30
CA ARG A 28 -11.00 -18.18 -35.73
C ARG A 28 -9.88 -17.94 -34.71
N PRO A 29 -8.88 -18.84 -34.69
CA PRO A 29 -7.94 -18.90 -33.56
C PRO A 29 -6.88 -17.79 -33.59
N VAL A 30 -6.71 -17.14 -32.45
CA VAL A 30 -5.64 -16.16 -32.27
C VAL A 30 -4.62 -16.75 -31.30
N HIS A 31 -3.40 -16.95 -31.79
CA HIS A 31 -2.34 -17.61 -31.02
C HIS A 31 -2.12 -17.03 -29.64
N ASP A 32 -2.04 -15.70 -29.56
CA ASP A 32 -1.71 -15.01 -28.31
C ASP A 32 -2.80 -15.05 -27.24
N GLU A 33 -4.00 -15.53 -27.58
CA GLU A 33 -5.07 -15.65 -26.59
C GLU A 33 -4.67 -16.62 -25.46
N HIS A 34 -3.86 -17.62 -25.81
CA HIS A 34 -3.34 -18.60 -24.84
C HIS A 34 -2.51 -17.92 -23.77
N LEU A 35 -1.64 -17.00 -24.21
CA LEU A 35 -0.80 -16.20 -23.31
C LEU A 35 -1.65 -15.29 -22.41
N PHE A 36 -2.65 -14.66 -23.00
CA PHE A 36 -3.60 -13.80 -22.28
C PHE A 36 -4.20 -14.53 -21.08
N ILE A 37 -4.75 -15.72 -21.33
CA ILE A 37 -5.33 -16.56 -20.29
C ILE A 37 -4.31 -16.93 -19.23
N ILE A 38 -3.17 -17.48 -19.65
CA ILE A 38 -2.13 -17.93 -18.71
C ILE A 38 -1.61 -16.79 -17.84
N THR A 39 -1.36 -15.63 -18.45
CA THR A 39 -0.86 -14.46 -17.71
C THR A 39 -1.79 -14.12 -16.56
N HIS A 40 -3.09 -14.00 -16.85
CA HIS A 40 -4.09 -13.69 -15.83
C HIS A 40 -4.18 -14.75 -14.78
N GLN A 41 -4.13 -16.01 -15.20
CA GLN A 41 -4.22 -17.14 -14.27
C GLN A 41 -3.02 -17.21 -13.33
N ALA A 42 -1.84 -16.88 -13.84
CA ALA A 42 -0.65 -16.76 -13.01
C ALA A 42 -0.84 -15.67 -11.96
N TYR A 43 -1.31 -14.50 -12.41
CA TYR A 43 -1.67 -13.41 -11.50
C TYR A 43 -2.66 -13.86 -10.44
N GLU A 44 -3.74 -14.51 -10.87
CA GLU A 44 -4.80 -14.93 -9.94
C GLU A 44 -4.31 -15.90 -8.87
N LEU A 45 -3.44 -16.84 -9.26
CA LEU A 45 -2.81 -17.75 -8.30
C LEU A 45 -2.02 -16.98 -7.24
N TRP A 46 -1.18 -16.05 -7.68
CA TRP A 46 -0.44 -15.18 -6.78
C TRP A 46 -1.33 -14.29 -5.94
N PHE A 47 -2.42 -13.76 -6.54
CA PHE A 47 -3.40 -12.98 -5.76
C PHE A 47 -3.92 -13.78 -4.58
N LYS A 48 -4.25 -15.05 -4.83
CA LYS A 48 -4.71 -15.98 -3.78
C LYS A 48 -3.68 -16.19 -2.68
N GLN A 49 -2.40 -16.24 -3.06
CA GLN A 49 -1.31 -16.38 -2.09
C GLN A 49 -1.18 -15.12 -1.23
N ILE A 50 -1.27 -13.96 -1.88
CA ILE A 50 -1.20 -12.67 -1.19
C ILE A 50 -2.34 -12.55 -0.16
N ILE A 51 -3.57 -12.84 -0.59
CA ILE A 51 -4.72 -12.90 0.33
C ILE A 51 -4.45 -13.85 1.50
N PHE A 52 -3.93 -15.04 1.19
CA PHE A 52 -3.63 -16.06 2.21
C PHE A 52 -2.60 -15.57 3.22
N GLU A 53 -1.57 -14.88 2.74
CA GLU A 53 -0.57 -14.29 3.63
C GLU A 53 -1.17 -13.15 4.43
N PHE A 54 -1.95 -12.30 3.76
CA PHE A 54 -2.62 -11.15 4.40
C PHE A 54 -3.54 -11.57 5.54
N ASP A 55 -4.41 -12.54 5.27
CA ASP A 55 -5.34 -13.04 6.28
C ASP A 55 -4.63 -13.59 7.51
N SER A 56 -3.53 -14.31 7.30
CA SER A 56 -2.78 -14.87 8.42
C SER A 56 -2.07 -13.79 9.24
N ILE A 57 -1.73 -12.67 8.60
CA ILE A 57 -1.13 -11.54 9.29
C ILE A 57 -2.19 -10.76 10.05
N ARG A 58 -3.38 -10.63 9.44
CA ARG A 58 -4.53 -10.02 10.10
C ARG A 58 -4.86 -10.74 11.40
N ASP A 59 -4.90 -12.07 11.36
CA ASP A 59 -5.23 -12.89 12.53
C ASP A 59 -4.18 -12.77 13.63
N MET A 60 -2.91 -12.64 13.24
CA MET A 60 -1.82 -12.51 14.19
C MET A 60 -1.82 -11.14 14.85
N LEU A 61 -2.20 -10.12 14.08
CA LEU A 61 -2.25 -8.75 14.60
C LEU A 61 -3.49 -8.50 15.44
N ASP A 62 -4.54 -9.30 15.22
CA ASP A 62 -5.78 -9.21 15.99
C ASP A 62 -5.62 -9.86 17.37
N ALA A 63 -4.69 -9.31 18.15
CA ALA A 63 -4.39 -9.79 19.49
C ALA A 63 -3.79 -8.63 20.29
N GLU A 64 -3.92 -8.69 21.61
CA GLU A 64 -3.39 -7.63 22.48
C GLU A 64 -1.87 -7.65 22.59
N VAL A 65 -1.29 -8.84 22.57
CA VAL A 65 0.16 -9.00 22.68
C VAL A 65 0.74 -9.66 21.43
N ILE A 66 1.67 -8.95 20.79
CA ILE A 66 2.46 -9.48 19.70
C ILE A 66 3.91 -9.54 20.19
N ASP A 67 4.41 -10.75 20.45
CA ASP A 67 5.78 -10.90 20.95
C ASP A 67 6.82 -10.77 19.82
N GLU A 68 8.09 -10.84 20.20
CA GLU A 68 9.21 -10.76 19.25
C GLU A 68 9.19 -11.89 18.21
N THR A 69 8.74 -13.07 18.64
CA THR A 69 8.69 -14.27 17.79
C THR A 69 7.64 -14.15 16.67
N LYS A 70 6.43 -13.71 17.02
CA LYS A 70 5.36 -13.50 16.05
C LYS A 70 5.66 -12.33 15.12
N THR A 71 6.37 -11.33 15.65
CA THR A 71 6.83 -10.18 14.86
C THR A 71 7.69 -10.65 13.68
N LEU A 72 8.66 -11.51 13.96
CA LEU A 72 9.53 -12.10 12.93
C LEU A 72 8.74 -12.84 11.86
N GLU A 73 7.73 -13.59 12.29
CA GLU A 73 6.87 -14.31 11.36
C GLU A 73 6.10 -13.37 10.44
N ILE A 74 5.62 -12.25 10.98
CA ILE A 74 4.94 -11.23 10.18
C ILE A 74 5.90 -10.56 9.17
N VAL A 75 7.07 -10.16 9.65
CA VAL A 75 8.11 -9.60 8.78
C VAL A 75 8.38 -10.53 7.60
N LYS A 76 8.57 -11.82 7.89
CA LYS A 76 8.79 -12.84 6.87
C LYS A 76 7.68 -12.85 5.82
N ARG A 77 6.44 -12.84 6.28
CA ARG A 77 5.30 -12.95 5.38
C ARG A 77 5.07 -11.68 4.56
N LEU A 78 5.35 -10.52 5.16
CA LEU A 78 5.29 -9.26 4.43
C LEU A 78 6.39 -9.22 3.37
N ASN A 79 7.57 -9.69 3.75
CA ASN A 79 8.71 -9.76 2.83
C ASN A 79 8.43 -10.69 1.67
N ARG A 80 7.69 -11.76 1.94
CA ARG A 80 7.27 -12.71 0.91
C ARG A 80 6.33 -12.05 -0.09
N VAL A 81 5.39 -11.25 0.42
CA VAL A 81 4.44 -10.51 -0.41
C VAL A 81 5.17 -9.48 -1.29
N VAL A 82 6.21 -8.85 -0.74
CA VAL A 82 7.02 -7.92 -1.51
C VAL A 82 7.58 -8.60 -2.75
N LEU A 83 8.24 -9.75 -2.54
CA LEU A 83 8.83 -10.53 -3.63
C LEU A 83 7.79 -10.95 -4.67
N ILE A 84 6.65 -11.43 -4.21
CA ILE A 84 5.56 -11.81 -5.13
C ILE A 84 5.14 -10.58 -5.95
N LEU A 85 4.99 -9.42 -5.30
CA LEU A 85 4.59 -8.19 -5.97
C LEU A 85 5.59 -7.74 -7.04
N LYS A 86 6.89 -7.83 -6.75
CA LYS A 86 7.93 -7.54 -7.76
C LYS A 86 7.76 -8.42 -8.97
N LEU A 87 7.50 -9.69 -8.73
CA LEU A 87 7.28 -10.67 -9.79
C LEU A 87 6.07 -10.29 -10.63
N LEU A 88 4.99 -9.86 -9.96
CA LEU A 88 3.78 -9.44 -10.65
C LEU A 88 3.99 -8.19 -11.49
N VAL A 89 4.79 -7.26 -10.98
CA VAL A 89 5.20 -6.08 -11.76
C VAL A 89 5.92 -6.51 -13.04
N ASP A 90 6.80 -7.51 -12.94
CA ASP A 90 7.59 -8.01 -14.08
C ASP A 90 6.82 -8.91 -15.04
N GLN A 91 5.60 -9.31 -14.69
CA GLN A 91 4.79 -10.13 -15.59
C GLN A 91 4.17 -9.31 -16.72
N VAL A 92 3.98 -8.00 -16.49
CA VAL A 92 3.37 -7.11 -17.48
C VAL A 92 4.12 -7.10 -18.83
N PRO A 93 5.47 -6.96 -18.81
CA PRO A 93 6.15 -6.93 -20.11
C PRO A 93 6.00 -8.23 -20.90
N ILE A 94 5.65 -9.34 -20.24
CA ILE A 94 5.38 -10.60 -20.95
C ILE A 94 4.12 -10.49 -21.79
N LEU A 95 3.05 -9.92 -21.21
CA LEU A 95 1.82 -9.70 -21.95
C LEU A 95 1.95 -8.60 -23.01
N GLU A 96 2.76 -7.59 -22.72
CA GLU A 96 3.01 -6.47 -23.65
C GLU A 96 3.60 -6.95 -24.97
N THR A 97 3.89 -8.25 -25.03
CA THR A 97 4.57 -8.86 -26.16
C THR A 97 3.55 -9.28 -27.24
N MET A 98 2.27 -9.27 -26.87
CA MET A 98 1.17 -9.48 -27.80
C MET A 98 0.88 -8.18 -28.53
N THR A 99 0.74 -8.23 -29.85
CA THR A 99 0.44 -7.04 -30.66
C THR A 99 -0.99 -6.57 -30.43
N PRO A 100 -1.22 -5.25 -30.51
CA PRO A 100 -2.57 -4.68 -30.46
C PRO A 100 -3.54 -5.34 -31.45
N LEU A 101 -3.13 -5.48 -32.70
CA LEU A 101 -3.95 -6.12 -33.75
C LEU A 101 -4.37 -7.56 -33.42
N ASP A 102 -3.53 -8.30 -32.71
CA ASP A 102 -3.88 -9.65 -32.28
C ASP A 102 -4.90 -9.62 -31.15
N PHE A 103 -4.74 -8.65 -30.24
CA PHE A 103 -5.67 -8.49 -29.14
C PHE A 103 -7.06 -8.09 -29.65
N MET A 104 -7.07 -7.26 -30.69
CA MET A 104 -8.32 -6.81 -31.31
C MET A 104 -9.16 -7.97 -31.85
N ASP A 105 -8.48 -9.00 -32.35
CA ASP A 105 -9.15 -10.16 -32.94
C ASP A 105 -9.81 -11.13 -31.95
N PHE A 106 -9.69 -10.88 -30.64
CA PHE A 106 -10.40 -11.70 -29.65
C PHE A 106 -11.00 -10.96 -28.46
N ARG A 107 -10.84 -9.63 -28.44
CA ARG A 107 -11.40 -8.81 -27.36
C ARG A 107 -12.93 -8.79 -27.35
N LYS A 108 -13.55 -9.11 -28.49
CA LYS A 108 -15.00 -9.18 -28.59
C LYS A 108 -15.62 -10.23 -27.66
N TYR A 109 -14.86 -11.28 -27.34
CA TYR A 109 -15.33 -12.32 -26.43
C TYR A 109 -15.33 -11.90 -24.95
N LEU A 110 -15.10 -10.61 -24.70
CA LEU A 110 -14.97 -10.08 -23.33
C LEU A 110 -15.91 -8.89 -23.04
N ALA A 111 -16.56 -8.93 -21.88
CA ALA A 111 -17.43 -7.84 -21.41
C ALA A 111 -16.63 -6.55 -21.20
N PRO A 112 -17.17 -5.41 -21.66
CA PRO A 112 -16.45 -4.12 -21.73
C PRO A 112 -15.68 -3.72 -20.47
N ALA A 113 -16.33 -3.81 -19.30
CA ALA A 113 -15.69 -3.45 -18.03
C ALA A 113 -15.67 -4.63 -17.06
N SER A 114 -16.65 -5.53 -17.20
CA SER A 114 -16.77 -6.69 -16.33
C SER A 114 -15.75 -7.78 -16.65
N GLY A 115 -15.32 -7.83 -17.90
CA GLY A 115 -14.35 -8.82 -18.35
C GLY A 115 -12.91 -8.47 -18.03
N PHE A 116 -12.72 -7.40 -17.24
CA PHE A 116 -11.39 -6.92 -16.87
C PHE A 116 -11.22 -6.70 -15.36
N GLN A 117 -12.30 -6.87 -14.60
CA GLN A 117 -12.26 -6.63 -13.15
C GLN A 117 -12.05 -7.91 -12.35
N SER A 118 -11.05 -7.89 -11.48
CA SER A 118 -10.68 -9.06 -10.68
C SER A 118 -11.22 -8.97 -9.26
N LEU A 119 -11.99 -9.98 -8.86
CA LEU A 119 -12.48 -10.07 -7.48
C LEU A 119 -11.33 -10.02 -6.48
N GLN A 120 -10.32 -10.88 -6.70
CA GLN A 120 -9.22 -11.05 -5.75
C GLN A 120 -8.39 -9.79 -5.58
N PHE A 121 -8.16 -9.06 -6.66
CA PHE A 121 -7.43 -7.81 -6.57
C PHE A 121 -8.15 -6.82 -5.66
N ARG A 122 -9.47 -6.70 -5.85
CA ARG A 122 -10.29 -5.84 -5.01
C ARG A 122 -10.23 -6.27 -3.53
N LEU A 123 -10.21 -7.58 -3.31
CA LEU A 123 -10.03 -8.13 -1.96
C LEU A 123 -8.68 -7.77 -1.34
N ILE A 124 -7.62 -7.76 -2.16
CA ILE A 124 -6.28 -7.37 -1.69
C ILE A 124 -6.26 -5.91 -1.24
N GLU A 125 -6.80 -5.03 -2.08
CA GLU A 125 -6.95 -3.61 -1.78
C GLU A 125 -7.63 -3.35 -0.43
N ASN A 126 -8.77 -4.03 -0.20
CA ASN A 126 -9.53 -3.82 1.03
C ASN A 126 -8.84 -4.42 2.25
N LYS A 127 -8.29 -5.62 2.09
CA LYS A 127 -7.57 -6.30 3.17
C LYS A 127 -6.32 -5.53 3.56
N LEU A 128 -5.68 -4.88 2.59
CA LEU A 128 -4.56 -3.99 2.88
C LEU A 128 -5.04 -2.72 3.58
N GLY A 129 -6.09 -2.10 3.04
CA GLY A 129 -6.71 -0.96 3.72
C GLY A 129 -7.20 0.21 2.89
N VAL A 130 -7.33 0.02 1.57
CA VAL A 130 -7.87 1.06 0.70
C VAL A 130 -9.27 1.42 1.18
N LEU A 131 -9.45 2.66 1.61
CA LEU A 131 -10.73 3.16 2.11
C LEU A 131 -11.69 3.41 0.96
N THR A 132 -12.95 2.99 1.12
CA THR A 132 -13.96 3.14 0.07
C THR A 132 -14.21 4.61 -0.33
N GLU A 133 -14.28 5.51 0.66
CA GLU A 133 -14.50 6.93 0.38
C GLU A 133 -13.34 7.58 -0.37
N GLN A 134 -12.15 6.99 -0.27
CA GLN A 134 -10.95 7.50 -0.96
C GLN A 134 -10.92 7.16 -2.44
N ARG A 135 -11.72 6.17 -2.84
CA ARG A 135 -11.81 5.75 -4.24
C ARG A 135 -12.53 6.81 -5.08
N VAL A 136 -12.19 6.87 -6.35
CA VAL A 136 -12.88 7.78 -7.28
C VAL A 136 -14.29 7.30 -7.57
N ARG A 137 -15.13 8.21 -8.08
CA ARG A 137 -16.55 7.96 -8.31
C ARG A 137 -16.84 6.73 -9.17
N TYR A 138 -16.00 6.51 -10.18
CA TYR A 138 -16.19 5.47 -11.20
C TYR A 138 -16.49 4.07 -10.64
N ASN A 139 -15.51 3.47 -9.95
CA ASN A 139 -15.69 2.14 -9.35
C ASN A 139 -15.71 2.17 -7.82
N GLN A 140 -16.48 3.09 -7.24
CA GLN A 140 -16.54 3.27 -5.79
C GLN A 140 -17.39 2.19 -5.10
N LYS A 141 -18.60 1.98 -5.61
CA LYS A 141 -19.50 0.96 -5.07
C LYS A 141 -19.28 -0.37 -5.79
N TYR A 142 -19.02 -1.41 -4.99
CA TYR A 142 -18.66 -2.73 -5.52
C TYR A 142 -19.79 -3.44 -6.25
N SER A 143 -21.02 -3.08 -5.91
CA SER A 143 -22.22 -3.64 -6.55
C SER A 143 -22.27 -3.29 -8.04
N ASP A 144 -21.84 -2.07 -8.37
CA ASP A 144 -21.74 -1.60 -9.75
C ASP A 144 -20.65 -2.34 -10.54
N VAL A 145 -19.63 -2.79 -9.82
CA VAL A 145 -18.48 -3.47 -10.42
C VAL A 145 -18.77 -4.96 -10.65
N PHE A 146 -19.16 -5.65 -9.58
CA PHE A 146 -19.41 -7.09 -9.61
C PHE A 146 -20.90 -7.38 -9.43
N SER A 147 -21.44 -8.21 -10.30
CA SER A 147 -22.87 -8.57 -10.25
C SER A 147 -23.14 -9.86 -9.48
N ASP A 148 -22.15 -10.75 -9.42
CA ASP A 148 -22.26 -12.04 -8.72
C ASP A 148 -22.60 -11.87 -7.24
N GLU A 149 -23.22 -12.88 -6.65
CA GLU A 149 -23.68 -12.82 -5.26
C GLU A 149 -22.60 -13.19 -4.25
N GLU A 150 -21.86 -14.27 -4.53
CA GLU A 150 -20.77 -14.73 -3.66
C GLU A 150 -19.63 -13.71 -3.60
N ALA A 151 -19.42 -13.02 -4.72
CA ALA A 151 -18.43 -11.95 -4.82
C ALA A 151 -18.79 -10.79 -3.91
N ARG A 152 -20.03 -10.32 -4.01
CA ARG A 152 -20.54 -9.22 -3.18
C ARG A 152 -20.35 -9.49 -1.68
N ASN A 153 -20.60 -10.72 -1.27
CA ASN A 153 -20.46 -11.14 0.13
C ASN A 153 -19.01 -11.08 0.62
N SER A 154 -18.07 -11.47 -0.24
CA SER A 154 -16.64 -11.43 0.09
C SER A 154 -16.13 -9.99 0.23
N ILE A 155 -16.53 -9.14 -0.71
CA ILE A 155 -16.12 -7.73 -0.70
C ILE A 155 -16.71 -7.00 0.50
N ARG A 156 -17.98 -7.27 0.79
CA ARG A 156 -18.64 -6.73 1.98
C ARG A 156 -17.89 -7.15 3.25
N ASN A 157 -17.53 -8.42 3.32
CA ASN A 157 -16.74 -8.96 4.43
C ASN A 157 -15.36 -8.33 4.56
N SER A 158 -14.72 -8.04 3.43
CA SER A 158 -13.40 -7.43 3.39
C SER A 158 -13.44 -5.98 3.89
N GLU A 159 -14.53 -5.28 3.57
CA GLU A 159 -14.74 -3.89 3.99
C GLU A 159 -15.03 -3.76 5.48
N LYS A 160 -15.89 -4.64 6.00
CA LYS A 160 -16.32 -4.59 7.40
C LYS A 160 -15.24 -5.11 8.35
N ASP A 161 -14.59 -6.22 7.98
CA ASP A 161 -13.52 -6.82 8.77
C ASP A 161 -12.31 -5.89 8.91
N PRO A 162 -11.53 -6.04 10.00
CA PRO A 162 -10.41 -5.14 10.25
C PRO A 162 -9.33 -5.28 9.17
N SER A 163 -9.03 -4.16 8.53
CA SER A 163 -8.00 -4.11 7.48
C SER A 163 -6.61 -4.16 8.10
N LEU A 164 -5.61 -4.35 7.23
CA LEU A 164 -4.22 -4.35 7.66
C LEU A 164 -3.84 -2.97 8.19
N LEU A 165 -4.46 -1.93 7.63
CA LEU A 165 -4.27 -0.55 8.08
C LEU A 165 -4.75 -0.35 9.52
N GLU A 166 -5.97 -0.80 9.80
CA GLU A 166 -6.54 -0.71 11.15
C GLU A 166 -5.69 -1.42 12.20
N LEU A 167 -5.35 -2.67 11.92
CA LEU A 167 -4.66 -3.53 12.89
C LEU A 167 -3.24 -3.07 13.17
N VAL A 168 -2.58 -2.51 12.16
CA VAL A 168 -1.25 -1.93 12.33
C VAL A 168 -1.32 -0.69 13.23
N GLN A 169 -2.35 0.13 13.05
CA GLN A 169 -2.58 1.30 13.90
C GLN A 169 -2.72 0.92 15.37
N ARG A 170 -3.58 -0.07 15.66
CA ARG A 170 -3.78 -0.55 17.02
C ARG A 170 -2.47 -1.07 17.62
N TRP A 171 -1.69 -1.78 16.81
CA TRP A 171 -0.39 -2.28 17.21
C TRP A 171 0.57 -1.14 17.49
N LEU A 172 0.52 -0.12 16.64
CA LEU A 172 1.32 1.10 16.79
C LEU A 172 0.99 1.87 18.06
N GLU A 173 -0.29 1.90 18.43
CA GLU A 173 -0.75 2.59 19.63
C GLU A 173 -0.21 1.97 20.93
N ARG A 174 0.00 0.65 20.91
CA ARG A 174 0.42 -0.09 22.10
C ARG A 174 1.93 -0.14 22.32
N THR A 175 2.71 0.39 21.38
CA THR A 175 4.17 0.29 21.45
C THR A 175 4.73 0.87 22.75
N PRO A 176 5.61 0.11 23.42
CA PRO A 176 6.22 0.53 24.69
C PRO A 176 7.18 1.71 24.48
N GLY A 177 7.02 2.74 25.31
CA GLY A 177 7.81 3.97 25.18
C GLY A 177 6.91 5.19 25.13
N LEU A 178 5.67 5.00 24.68
CA LEU A 178 4.66 6.05 24.68
C LEU A 178 4.02 6.21 26.06
N GLU A 179 4.51 5.40 27.01
CA GLU A 179 3.95 5.35 28.35
C GLU A 179 4.42 6.55 29.18
N GLU A 180 3.46 7.38 29.57
CA GLU A 180 3.68 8.55 30.44
C GLU A 180 4.34 8.11 31.75
N SER A 181 3.87 6.98 32.28
CA SER A 181 4.40 6.37 33.48
C SER A 181 5.81 5.84 33.28
N GLY A 182 6.09 5.38 32.05
CA GLY A 182 7.39 4.80 31.72
C GLY A 182 8.34 5.76 31.04
N PHE A 183 8.70 5.44 29.80
CA PHE A 183 9.71 6.21 29.05
C PHE A 183 9.25 7.61 28.64
N ASN A 184 7.95 7.75 28.40
CA ASN A 184 7.33 9.04 28.05
C ASN A 184 8.02 9.74 26.88
N PHE A 185 7.97 9.10 25.72
CA PHE A 185 8.69 9.57 24.53
C PHE A 185 8.12 10.87 23.95
N TRP A 186 6.79 10.96 23.87
CA TRP A 186 6.13 12.11 23.25
C TRP A 186 6.50 13.40 23.94
N ALA A 187 6.50 13.38 25.27
CA ALA A 187 6.88 14.54 26.07
C ALA A 187 8.35 14.91 25.90
N LYS A 188 9.22 13.91 26.02
CA LYS A 188 10.66 14.09 25.81
C LYS A 188 10.96 14.64 24.41
N PHE A 189 10.20 14.16 23.43
CA PHE A 189 10.33 14.56 22.03
C PHE A 189 10.02 16.05 21.85
N GLN A 190 8.86 16.48 22.33
CA GLN A 190 8.47 17.90 22.31
C GLN A 190 9.55 18.78 22.93
N GLU A 191 10.02 18.40 24.10
CA GLU A 191 11.05 19.12 24.84
C GLU A 191 12.33 19.31 24.03
N SER A 192 12.80 18.22 23.41
CA SER A 192 14.03 18.25 22.62
C SER A 192 13.87 18.99 21.29
N VAL A 193 12.64 19.02 20.76
CA VAL A 193 12.33 19.85 19.60
C VAL A 193 12.49 21.33 19.95
N ASP A 194 11.92 21.72 21.10
CA ASP A 194 12.05 23.09 21.61
C ASP A 194 13.52 23.49 21.79
N ARG A 195 14.28 22.65 22.51
CA ARG A 195 15.70 22.88 22.76
C ARG A 195 16.55 22.95 21.49
N PHE A 196 16.30 22.03 20.56
CA PHE A 196 17.02 21.98 19.29
C PHE A 196 16.70 23.21 18.43
N LEU A 197 15.42 23.57 18.35
CA LEU A 197 15.00 24.74 17.59
C LEU A 197 15.54 26.05 18.19
N GLU A 198 15.49 26.17 19.51
CA GLU A 198 16.09 27.31 20.22
C GLU A 198 17.55 27.48 19.83
N ALA A 199 18.32 26.38 19.93
CA ALA A 199 19.72 26.37 19.56
C ALA A 199 19.94 26.78 18.11
N GLN A 200 18.98 26.46 17.26
CA GLN A 200 19.04 26.78 15.84
C GLN A 200 18.86 28.27 15.59
N VAL A 201 17.94 28.89 16.35
CA VAL A 201 17.69 30.33 16.25
C VAL A 201 18.95 31.13 16.60
N GLN A 202 19.59 30.77 17.71
CA GLN A 202 20.80 31.45 18.19
C GLN A 202 21.95 31.35 17.20
N SER A 203 22.13 30.16 16.64
CA SER A 203 23.16 29.93 15.61
C SER A 203 22.88 30.74 14.35
N ALA A 204 21.60 30.89 14.00
CA ALA A 204 21.19 31.67 12.84
C ALA A 204 21.40 33.17 13.05
N MET A 205 21.15 33.64 14.27
CA MET A 205 21.35 35.05 14.62
C MET A 205 22.83 35.46 14.54
N GLU A 206 23.71 34.50 14.75
CA GLU A 206 25.16 34.74 14.73
C GLU A 206 25.77 34.65 13.31
N GLU A 207 24.92 34.43 12.32
CA GLU A 207 25.37 34.31 10.93
C GLU A 207 25.83 35.67 10.39
N PRO A 208 27.07 35.74 9.86
CA PRO A 208 27.62 36.98 9.30
C PRO A 208 26.82 37.52 8.12
N VAL A 209 26.55 36.69 7.11
CA VAL A 209 25.78 37.12 5.94
C VAL A 209 24.30 37.26 6.30
N GLU A 210 23.70 38.37 5.85
CA GLU A 210 22.30 38.68 6.16
C GLU A 210 21.33 37.76 5.41
N LYS A 211 21.63 37.47 4.15
CA LYS A 211 20.80 36.59 3.31
C LYS A 211 20.70 35.17 3.88
N ALA A 212 21.82 34.67 4.43
CA ALA A 212 21.87 33.35 5.04
C ALA A 212 21.12 33.29 6.37
N LYS A 213 21.18 34.38 7.13
CA LYS A 213 20.43 34.51 8.38
C LYS A 213 18.93 34.41 8.12
N ASN A 214 18.46 35.12 7.09
CA ASN A 214 17.04 35.16 6.75
C ASN A 214 16.50 33.82 6.26
N TYR A 215 17.27 33.13 5.43
CA TYR A 215 16.91 31.79 4.95
C TYR A 215 16.76 30.82 6.12
N ARG A 216 17.72 30.84 7.04
CA ARG A 216 17.70 29.96 8.20
C ARG A 216 16.53 30.27 9.16
N LEU A 217 16.21 31.56 9.28
CA LEU A 217 15.09 31.99 10.13
C LEU A 217 13.75 31.59 9.53
N MET A 218 13.63 31.77 8.20
CA MET A 218 12.46 31.32 7.45
C MET A 218 12.29 29.80 7.56
N ASP A 219 13.41 29.08 7.45
CA ASP A 219 13.42 27.62 7.53
C ASP A 219 12.98 27.10 8.90
N ILE A 220 13.51 27.71 9.96
CA ILE A 220 13.13 27.37 11.34
C ILE A 220 11.63 27.59 11.57
N GLU A 221 11.07 28.62 10.93
CA GLU A 221 9.65 28.90 11.02
C GLU A 221 8.84 27.81 10.31
N LYS A 222 9.32 27.39 9.15
CA LYS A 222 8.73 26.26 8.43
C LYS A 222 8.83 24.94 9.20
N ARG A 223 9.88 24.79 10.01
CA ARG A 223 10.03 23.65 10.89
C ARG A 223 9.02 23.66 12.04
N ARG A 224 8.75 24.83 12.61
CA ARG A 224 7.76 24.97 13.69
C ARG A 224 6.38 24.54 13.22
N GLU A 225 6.05 24.91 11.98
CA GLU A 225 4.76 24.56 11.39
C GLU A 225 4.62 23.04 11.21
N VAL A 226 5.73 22.40 10.81
CA VAL A 226 5.81 20.95 10.71
C VAL A 226 5.52 20.29 12.06
N TYR A 227 6.22 20.74 13.10
CA TYR A 227 6.06 20.15 14.44
C TYR A 227 4.73 20.50 15.09
N ARG A 228 4.12 21.61 14.66
CA ARG A 228 2.80 21.98 15.12
C ARG A 228 1.76 20.96 14.62
N SER A 229 1.97 20.43 13.41
CA SER A 229 1.03 19.49 12.81
C SER A 229 1.04 18.11 13.49
N ILE A 230 2.07 17.84 14.29
CA ILE A 230 2.12 16.60 15.07
C ILE A 230 1.92 16.82 16.57
N PHE A 231 2.33 17.99 17.08
CA PHE A 231 2.20 18.27 18.50
C PHE A 231 0.82 18.83 18.90
N ASP A 232 0.10 19.38 17.93
CA ASP A 232 -1.27 19.84 18.16
C ASP A 232 -2.27 18.86 17.55
N PRO A 233 -2.89 18.01 18.39
CA PRO A 233 -3.83 16.96 17.97
C PRO A 233 -4.97 17.47 17.08
N ALA A 234 -5.36 18.73 17.28
CA ALA A 234 -6.40 19.35 16.47
C ALA A 234 -5.96 19.47 15.01
N VAL A 235 -4.71 19.88 14.80
CA VAL A 235 -4.14 20.02 13.45
C VAL A 235 -4.02 18.65 12.78
N HIS A 236 -3.62 17.63 13.54
CA HIS A 236 -3.50 16.27 13.04
C HIS A 236 -4.82 15.72 12.60
N ASP A 237 -5.83 15.82 13.47
CA ASP A 237 -7.17 15.30 13.18
C ASP A 237 -7.78 15.94 11.93
N ALA A 238 -7.46 17.21 11.71
CA ALA A 238 -7.89 17.94 10.52
C ALA A 238 -7.27 17.34 9.26
N LEU A 239 -5.98 17.01 9.34
CA LEU A 239 -5.25 16.41 8.22
C LEU A 239 -5.75 15.00 7.91
N VAL A 240 -6.24 14.31 8.94
CA VAL A 240 -6.86 13.00 8.77
C VAL A 240 -8.17 13.14 8.00
N ARG A 241 -9.01 14.09 8.41
CA ARG A 241 -10.33 14.29 7.84
C ARG A 241 -10.31 14.63 6.35
N ARG A 242 -9.34 15.44 5.93
CA ARG A 242 -9.20 15.81 4.52
C ARG A 242 -8.46 14.75 3.69
N GLY A 243 -7.87 13.76 4.37
CA GLY A 243 -7.25 12.62 3.71
C GLY A 243 -5.76 12.72 3.46
N ASP A 244 -5.11 13.71 4.05
CA ASP A 244 -3.66 13.86 3.95
C ASP A 244 -2.93 12.90 4.89
N ARG A 245 -3.64 12.42 5.90
CA ARG A 245 -3.14 11.41 6.84
C ARG A 245 -4.21 10.34 7.06
N ARG A 246 -3.79 9.18 7.58
CA ARG A 246 -4.71 8.08 7.82
C ARG A 246 -4.63 7.55 9.25
N PHE A 247 -3.45 7.66 9.85
CA PHE A 247 -3.20 7.16 11.20
C PHE A 247 -3.91 8.01 12.25
N SER A 248 -4.34 7.35 13.32
CA SER A 248 -4.74 8.06 14.52
C SER A 248 -3.51 8.74 15.10
N HIS A 249 -3.72 9.73 15.98
CA HIS A 249 -2.62 10.49 16.54
C HIS A 249 -1.63 9.63 17.29
N ARG A 250 -2.14 8.69 18.08
CA ARG A 250 -1.27 7.80 18.86
C ARG A 250 -0.49 6.81 17.98
N ALA A 251 -1.10 6.38 16.88
CA ALA A 251 -0.44 5.50 15.91
C ALA A 251 0.77 6.17 15.26
N LEU A 252 0.58 7.42 14.84
CA LEU A 252 1.66 8.22 14.28
C LEU A 252 2.78 8.43 15.30
N GLN A 253 2.41 8.58 16.57
CA GLN A 253 3.38 8.69 17.66
C GLN A 253 4.26 7.45 17.72
N GLY A 254 3.62 6.28 17.67
CA GLY A 254 4.32 4.99 17.61
C GLY A 254 5.26 4.88 16.41
N ALA A 255 4.73 5.15 15.21
CA ALA A 255 5.51 5.14 13.99
C ALA A 255 6.78 6.00 14.09
N ILE A 256 6.62 7.23 14.55
CA ILE A 256 7.72 8.20 14.66
C ILE A 256 8.80 7.70 15.61
N MET A 257 8.38 7.11 16.73
CA MET A 257 9.33 6.58 17.71
C MET A 257 10.17 5.45 17.12
N ILE A 258 9.51 4.55 16.38
CA ILE A 258 10.16 3.43 15.72
C ILE A 258 11.26 3.90 14.76
N THR A 259 10.93 4.89 13.92
CA THR A 259 11.89 5.44 12.96
C THR A 259 13.07 6.09 13.65
N PHE A 260 12.84 6.57 14.87
CA PHE A 260 13.87 7.25 15.64
C PHE A 260 14.92 6.27 16.16
N TYR A 261 14.47 5.15 16.70
CA TYR A 261 15.37 4.18 17.32
C TYR A 261 15.53 2.89 16.50
N ARG A 262 15.34 3.01 15.18
CA ARG A 262 15.42 1.87 14.26
C ARG A 262 16.73 1.08 14.34
N ASP A 263 17.82 1.75 14.72
CA ASP A 263 19.12 1.11 14.91
C ASP A 263 19.19 0.22 16.15
N GLU A 264 18.22 0.37 17.05
CA GLU A 264 18.19 -0.36 18.30
C GLU A 264 17.49 -1.72 18.16
N PRO A 265 18.16 -2.80 18.62
CA PRO A 265 17.66 -4.18 18.54
C PRO A 265 16.16 -4.33 18.84
N ARG A 266 15.67 -3.57 19.81
CA ARG A 266 14.27 -3.67 20.23
C ARG A 266 13.29 -3.05 19.23
N PHE A 267 13.81 -2.17 18.36
CA PHE A 267 12.96 -1.47 17.39
C PHE A 267 13.21 -1.84 15.93
N SER A 268 14.28 -2.60 15.68
CA SER A 268 14.69 -2.93 14.31
C SER A 268 13.65 -3.75 13.55
N GLN A 269 13.05 -4.72 14.23
CA GLN A 269 12.00 -5.53 13.61
C GLN A 269 10.70 -4.75 13.39
N PRO A 270 10.20 -4.03 14.43
CA PRO A 270 9.06 -3.14 14.20
C PRO A 270 9.28 -2.18 13.03
N HIS A 271 10.50 -1.67 12.89
CA HIS A 271 10.84 -0.84 11.75
C HIS A 271 10.73 -1.58 10.45
N GLN A 272 11.31 -2.77 10.41
CA GLN A 272 11.31 -3.60 9.21
C GLN A 272 9.88 -3.86 8.75
N LEU A 273 9.00 -4.11 9.71
CA LEU A 273 7.58 -4.30 9.45
C LEU A 273 6.98 -3.10 8.71
N LEU A 274 7.26 -1.90 9.20
CA LEU A 274 6.79 -0.66 8.60
C LEU A 274 7.37 -0.45 7.20
N THR A 275 8.66 -0.71 7.06
CA THR A 275 9.35 -0.60 5.78
C THR A 275 8.69 -1.49 4.70
N LEU A 276 8.28 -2.69 5.10
CA LEU A 276 7.72 -3.64 4.15
C LEU A 276 6.29 -3.25 3.76
N LEU A 277 5.59 -2.65 4.73
CA LEU A 277 4.29 -2.02 4.47
C LEU A 277 4.39 -0.95 3.38
N MET A 278 5.39 -0.08 3.48
CA MET A 278 5.67 0.93 2.44
C MET A 278 6.02 0.28 1.11
N ASP A 279 6.90 -0.72 1.14
CA ASP A 279 7.30 -1.46 -0.06
C ASP A 279 6.11 -2.05 -0.79
N ILE A 280 5.18 -2.66 -0.03
CA ILE A 280 3.96 -3.24 -0.58
C ILE A 280 3.12 -2.16 -1.27
N ASP A 281 2.86 -1.06 -0.57
CA ASP A 281 2.12 0.08 -1.13
C ASP A 281 2.74 0.54 -2.43
N SER A 282 4.04 0.80 -2.40
CA SER A 282 4.77 1.33 -3.53
C SER A 282 4.76 0.36 -4.71
N LEU A 283 4.90 -0.93 -4.43
CA LEU A 283 4.88 -1.95 -5.47
C LEU A 283 3.51 -2.08 -6.14
N ILE A 284 2.44 -2.00 -5.35
CA ILE A 284 1.09 -1.93 -5.92
C ILE A 284 0.95 -0.73 -6.86
N THR A 285 1.47 0.43 -6.44
CA THR A 285 1.47 1.60 -7.32
C THR A 285 2.28 1.31 -8.59
N LYS A 286 3.45 0.68 -8.43
CA LYS A 286 4.30 0.31 -9.58
C LYS A 286 3.58 -0.63 -10.53
N TRP A 287 2.81 -1.57 -10.00
CA TRP A 287 1.98 -2.42 -10.84
C TRP A 287 0.95 -1.63 -11.58
N ARG A 288 0.21 -0.78 -10.86
CA ARG A 288 -0.80 0.11 -11.47
C ARG A 288 -0.23 0.87 -12.65
N TYR A 289 0.92 1.52 -12.46
CA TYR A 289 1.60 2.24 -13.53
C TYR A 289 1.86 1.35 -14.75
N ASN A 290 2.49 0.19 -14.53
CA ASN A 290 2.77 -0.74 -15.62
C ASN A 290 1.51 -1.20 -16.34
N HIS A 291 0.49 -1.55 -15.56
CA HIS A 291 -0.81 -1.91 -16.10
C HIS A 291 -1.38 -0.86 -17.02
N VAL A 292 -1.38 0.41 -16.59
CA VAL A 292 -1.95 1.48 -17.41
C VAL A 292 -1.17 1.71 -18.72
N ILE A 293 0.16 1.56 -18.66
CA ILE A 293 1.01 1.70 -19.85
C ILE A 293 0.68 0.60 -20.87
N MET A 294 0.49 -0.62 -20.36
CA MET A 294 0.11 -1.75 -21.22
C MET A 294 -1.29 -1.57 -21.86
N VAL A 295 -2.28 -1.17 -21.05
CA VAL A 295 -3.64 -0.91 -21.54
C VAL A 295 -3.61 0.08 -22.72
N GLN A 296 -2.92 1.20 -22.50
CA GLN A 296 -2.76 2.22 -23.53
C GLN A 296 -2.03 1.71 -24.76
N ARG A 297 -1.05 0.81 -24.55
CA ARG A 297 -0.30 0.21 -25.64
C ARG A 297 -1.20 -0.69 -26.51
N MET A 298 -2.15 -1.37 -25.86
CA MET A 298 -3.06 -2.29 -26.53
C MET A 298 -4.25 -1.60 -27.21
N ILE A 299 -5.01 -0.85 -26.41
CA ILE A 299 -6.26 -0.24 -26.87
C ILE A 299 -6.29 1.29 -26.75
N GLY A 300 -5.12 1.91 -26.72
CA GLY A 300 -5.02 3.36 -26.56
C GLY A 300 -5.73 3.90 -25.35
N SER A 301 -6.12 5.18 -25.40
CA SER A 301 -6.96 5.76 -24.35
C SER A 301 -8.43 5.38 -24.52
N GLN A 302 -8.80 5.02 -25.76
CA GLN A 302 -10.16 4.60 -26.09
C GLN A 302 -10.20 3.84 -27.41
N GLN A 303 -11.06 2.83 -27.47
CA GLN A 303 -11.24 2.02 -28.68
C GLN A 303 -12.70 1.61 -28.89
N LEU A 304 -12.96 0.98 -30.04
CA LEU A 304 -14.28 0.47 -30.36
C LEU A 304 -14.82 -0.37 -29.20
N GLY A 305 -16.06 -0.13 -28.81
CA GLY A 305 -16.73 -0.87 -27.75
C GLY A 305 -16.41 -0.36 -26.35
N THR A 306 -15.45 0.55 -26.26
CA THR A 306 -14.92 0.98 -24.97
C THR A 306 -15.76 2.11 -24.33
N GLY A 307 -16.52 2.82 -25.17
CA GLY A 307 -17.41 3.88 -24.71
C GLY A 307 -16.68 5.16 -24.36
N GLY A 308 -15.60 5.44 -25.08
CA GLY A 308 -14.78 6.60 -24.78
C GLY A 308 -13.67 6.27 -23.79
N SER A 309 -13.11 7.30 -23.18
CA SER A 309 -11.86 7.18 -22.45
C SER A 309 -12.01 7.13 -20.92
N SER A 310 -13.18 6.75 -20.43
CA SER A 310 -13.40 6.79 -18.98
C SER A 310 -12.65 5.68 -18.23
N GLY A 311 -12.55 4.51 -18.85
CA GLY A 311 -11.77 3.40 -18.30
C GLY A 311 -10.31 3.75 -18.10
N TYR A 312 -9.70 4.30 -19.14
CA TYR A 312 -8.31 4.75 -19.09
C TYR A 312 -8.07 5.83 -18.03
N GLN A 313 -8.94 6.84 -18.02
CA GLN A 313 -8.84 7.95 -17.06
C GLN A 313 -9.01 7.48 -15.62
N TYR A 314 -9.85 6.47 -15.44
CA TYR A 314 -10.04 5.85 -14.12
C TYR A 314 -8.71 5.25 -13.64
N LEU A 315 -8.10 4.42 -14.48
CA LEU A 315 -6.86 3.73 -14.13
C LEU A 315 -5.76 4.72 -13.83
N ARG A 316 -5.73 5.80 -14.62
CA ARG A 316 -4.75 6.87 -14.43
C ARG A 316 -4.94 7.61 -13.11
N SER A 317 -6.17 7.64 -12.61
CA SER A 317 -6.46 8.30 -11.34
C SER A 317 -6.19 7.40 -10.13
N THR A 318 -6.10 6.08 -10.35
CA THR A 318 -5.72 5.13 -9.29
C THR A 318 -4.25 5.28 -8.91
N LEU A 319 -3.50 6.06 -9.69
CA LEU A 319 -2.09 6.36 -9.42
C LEU A 319 -1.86 7.42 -8.35
N SER A 320 -2.93 8.02 -7.83
CA SER A 320 -2.80 9.11 -6.87
C SER A 320 -2.63 8.58 -5.44
N ASP A 321 -2.10 9.44 -4.57
CA ASP A 321 -1.89 9.09 -3.16
C ASP A 321 -3.18 8.76 -2.42
N ARG A 322 -4.32 9.01 -3.07
CA ARG A 322 -5.63 8.63 -2.53
C ARG A 322 -5.72 7.12 -2.40
N TYR A 323 -5.01 6.41 -3.28
CA TYR A 323 -5.04 4.95 -3.30
C TYR A 323 -3.91 4.28 -2.51
N LYS A 324 -2.95 5.07 -2.05
CA LYS A 324 -1.90 4.56 -1.16
C LYS A 324 -2.45 4.38 0.25
N VAL A 325 -2.26 3.19 0.82
CA VAL A 325 -2.85 2.86 2.11
C VAL A 325 -2.04 3.42 3.29
N PHE A 326 -0.72 3.31 3.21
CA PHE A 326 0.15 3.70 4.32
C PHE A 326 0.88 5.01 4.03
N LEU A 327 0.10 6.00 3.60
CA LEU A 327 0.60 7.32 3.22
C LEU A 327 1.42 8.00 4.31
N ASP A 328 0.98 7.89 5.55
CA ASP A 328 1.66 8.49 6.69
C ASP A 328 3.11 8.01 6.80
N LEU A 329 3.34 6.74 6.47
CA LEU A 329 4.65 6.11 6.59
C LEU A 329 5.71 6.71 5.69
N PHE A 330 5.31 7.13 4.49
CA PHE A 330 6.22 7.74 3.52
C PHE A 330 6.79 9.08 3.97
N ASN A 331 6.08 9.75 4.87
CA ASN A 331 6.41 11.13 5.24
C ASN A 331 7.15 11.28 6.58
N LEU A 332 7.34 10.16 7.28
CA LEU A 332 7.84 10.18 8.67
C LEU A 332 9.19 10.87 8.90
N SER A 333 10.03 10.93 7.88
CA SER A 333 11.34 11.56 8.03
C SER A 333 11.25 13.09 8.08
N THR A 334 10.09 13.64 7.70
CA THR A 334 9.80 15.07 7.81
C THR A 334 9.97 15.56 9.25
N PHE A 335 9.64 14.71 10.21
CA PHE A 335 9.63 15.09 11.63
C PHE A 335 10.91 14.71 12.36
N LEU A 336 11.94 14.35 11.60
CA LEU A 336 13.16 13.81 12.17
C LEU A 336 14.12 14.90 12.68
N ILE A 337 14.70 14.65 13.86
CA ILE A 337 15.77 15.48 14.41
C ILE A 337 17.07 14.66 14.51
N PRO A 338 18.24 15.31 14.38
CA PRO A 338 19.53 14.60 14.38
C PRO A 338 19.78 13.75 15.62
N ARG A 339 20.76 12.84 15.53
CA ARG A 339 21.07 11.87 16.58
C ARG A 339 21.19 12.49 17.98
N GLU A 340 21.95 13.58 18.06
CA GLU A 340 22.25 14.26 19.31
C GLU A 340 21.00 14.73 20.05
N ALA A 341 20.03 15.25 19.31
CA ALA A 341 18.81 15.82 19.88
C ALA A 341 17.77 14.79 20.32
N ILE A 342 17.92 13.54 19.90
CA ILE A 342 16.95 12.49 20.22
C ILE A 342 17.14 11.99 21.65
N PRO A 343 16.05 11.98 22.45
CA PRO A 343 16.09 11.50 23.83
C PRO A 343 16.59 10.06 23.92
N PRO A 344 17.68 9.83 24.67
CA PRO A 344 18.33 8.52 24.74
C PRO A 344 17.45 7.48 25.42
N LEU A 345 17.59 6.21 25.02
CA LEU A 345 16.86 5.12 25.65
C LEU A 345 17.63 4.62 26.88
N ASP A 346 17.02 4.77 28.06
CA ASP A 346 17.64 4.34 29.31
C ASP A 346 16.72 3.39 30.09
N GLU A 347 15.69 3.96 30.74
CA GLU A 347 14.76 3.22 31.60
C GLU A 347 15.31 1.90 32.14
#